data_9D9G
#
_entry.id   9D9G
#
_cell.length_a   74.054
_cell.length_b   74.054
_cell.length_c   107.513
_cell.angle_alpha   90
_cell.angle_beta   90
_cell.angle_gamma   90
#
_symmetry.space_group_name_H-M   'P 43 2 2'
#
loop_
_entity.id
_entity.type
_entity.pdbx_description
1 polymer 'Heat shock protein 90 homolog'
2 non-polymer (1P)-3-amino-6-[({1-[(2R)-2-(2,4-difluorophenyl)-2-hydroxy-3-(1H-1,2,4-triazol-1-yl)propyl]piperidin-4-yl}amino)methyl]-1-(4-phenyl-3,4-dihydro-2H-1,4-benzoxazin-6-yl)thieno[2,3-b]pyrazin-2(1H)-one
3 non-polymer 'MAGNESIUM ION'
4 water water
#
_entity_poly.entity_id   1
_entity_poly.type   'polypeptide(L)'
_entity_poly.pdbx_seq_one_letter_code
;GMADAKVETHEFTAEISQLMSLIINTVYSNKEIFLRELISNASDALDKIRYQALSDPSQLESEPELFIRIIPQKDQKVLE
IRDSGIGMTKADLVNNLGTIAKSGTKSFMEALSAGADVSMIGQFGVGFYSLFLVADHVQVISKHNDDEQYVWESNAGGKF
TVTLDETNERLGRGTMLRLFLKEDQLEYLEEKRIKEVVKKHSEFVAYPIQLVVTKEVEKEV
;
_entity_poly.pdbx_strand_id   A
#
loop_
_chem_comp.id
_chem_comp.type
_chem_comp.name
_chem_comp.formula
A1A24 non-polymer (1P)-3-amino-6-[({1-[(2R)-2-(2,4-difluorophenyl)-2-hydroxy-3-(1H-1,2,4-triazol-1-yl)propyl]piperidin-4-yl}amino)methyl]-1-(4-phenyl-3,4-dihydro-2H-1,4-benzoxazin-6-yl)thieno[2,3-b]pyrazin-2(1H)-one 'C37 H37 F2 N9 O3 S'
MG non-polymer 'MAGNESIUM ION' 'Mg 2'
#
# COMPACT_ATOMS: atom_id res chain seq x y z
N ALA A 5 -5.44 22.72 -0.57
CA ALA A 5 -6.64 22.40 -1.37
C ALA A 5 -6.33 22.13 -2.85
N LYS A 6 -5.26 22.77 -3.38
CA LYS A 6 -4.74 22.49 -4.71
C LYS A 6 -4.28 21.03 -4.84
N VAL A 7 -4.49 20.45 -6.03
CA VAL A 7 -3.89 19.18 -6.42
C VAL A 7 -2.49 19.51 -6.96
N GLU A 8 -1.42 19.09 -6.25
CA GLU A 8 -0.07 19.26 -6.75
C GLU A 8 0.31 18.06 -7.61
N THR A 9 0.80 18.27 -8.85
CA THR A 9 1.20 17.20 -9.74
C THR A 9 2.72 17.11 -9.73
N HIS A 10 3.24 15.88 -9.66
CA HIS A 10 4.68 15.64 -9.63
C HIS A 10 4.99 14.53 -10.63
N GLU A 11 6.27 14.38 -10.97
CA GLU A 11 6.69 13.37 -11.93
C GLU A 11 7.50 12.33 -11.20
N PHE A 12 7.24 11.02 -11.47
CA PHE A 12 8.10 9.96 -10.95
C PHE A 12 9.46 10.04 -11.64
N THR A 13 10.51 9.61 -10.93
CA THR A 13 11.80 9.30 -11.57
C THR A 13 11.53 8.26 -12.64
N ALA A 14 12.37 8.26 -13.68
CA ALA A 14 12.23 7.31 -14.78
C ALA A 14 12.18 5.85 -14.34
N GLU A 15 12.99 5.47 -13.34
CA GLU A 15 13.16 4.08 -12.96
C GLU A 15 11.86 3.56 -12.31
N ILE A 16 11.22 4.38 -11.48
CA ILE A 16 9.97 4.02 -10.85
C ILE A 16 8.85 3.89 -11.88
N SER A 17 8.72 4.83 -12.82
N SER A 17 8.75 4.87 -12.78
CA SER A 17 7.68 4.70 -13.82
CA SER A 17 7.79 4.87 -13.87
C SER A 17 7.99 3.51 -14.76
C SER A 17 7.88 3.55 -14.66
N GLN A 18 9.27 3.21 -14.99
N GLN A 18 9.12 3.20 -15.05
CA GLN A 18 9.66 2.01 -15.72
CA GLN A 18 9.41 1.99 -15.79
C GLN A 18 9.11 0.76 -15.04
C GLN A 18 9.00 0.73 -15.02
N LEU A 19 9.29 0.67 -13.72
CA LEU A 19 8.92 -0.50 -12.92
C LEU A 19 7.40 -0.62 -12.85
N MET A 20 6.70 0.50 -12.66
N MET A 20 6.68 0.48 -12.62
CA MET A 20 5.25 0.52 -12.64
CA MET A 20 5.23 0.39 -12.51
C MET A 20 4.69 -0.03 -13.94
C MET A 20 4.60 -0.14 -13.79
N SER A 21 5.28 0.39 -15.06
N SER A 21 5.12 0.32 -14.94
CA SER A 21 4.85 -0.04 -16.38
CA SER A 21 4.68 -0.13 -16.25
C SER A 21 4.96 -1.56 -16.51
C SER A 21 4.89 -1.64 -16.41
N LEU A 22 6.08 -2.14 -16.04
CA LEU A 22 6.33 -3.59 -16.08
C LEU A 22 5.32 -4.35 -15.23
N ILE A 23 5.11 -3.91 -13.98
CA ILE A 23 4.25 -4.62 -13.05
C ILE A 23 2.78 -4.57 -13.46
N ILE A 24 2.28 -3.40 -13.90
CA ILE A 24 0.86 -3.28 -14.21
C ILE A 24 0.49 -4.14 -15.42
N ASN A 25 1.47 -4.42 -16.27
CA ASN A 25 1.26 -5.19 -17.49
C ASN A 25 1.69 -6.64 -17.36
N THR A 26 2.41 -7.08 -16.29
CA THR A 26 2.94 -8.43 -16.26
C THR A 26 1.79 -9.43 -16.14
N VAL A 27 1.98 -10.63 -16.76
CA VAL A 27 1.02 -11.72 -16.67
C VAL A 27 1.48 -12.80 -15.68
N TYR A 28 2.42 -12.46 -14.76
CA TYR A 28 2.77 -13.28 -13.60
C TYR A 28 1.57 -13.98 -12.96
N SER A 29 1.76 -15.25 -12.58
CA SER A 29 0.69 -16.15 -12.14
C SER A 29 0.29 -16.04 -10.66
N ASN A 30 1.22 -15.63 -9.77
N ASN A 30 1.16 -15.48 -9.82
CA ASN A 30 0.99 -15.66 -8.32
CA ASN A 30 1.05 -15.62 -8.39
C ASN A 30 0.79 -14.23 -7.80
C ASN A 30 0.81 -14.22 -7.81
N LYS A 31 -0.22 -13.55 -8.33
CA LYS A 31 -0.51 -12.15 -7.98
C LYS A 31 -0.86 -11.93 -6.50
N GLU A 32 -1.33 -12.97 -5.78
CA GLU A 32 -1.72 -12.85 -4.38
C GLU A 32 -0.58 -12.37 -3.49
N ILE A 33 0.68 -12.48 -3.92
CA ILE A 33 1.82 -11.99 -3.13
C ILE A 33 1.77 -10.47 -2.91
N PHE A 34 0.96 -9.72 -3.66
CA PHE A 34 0.85 -8.28 -3.37
C PHE A 34 0.45 -8.08 -1.91
N LEU A 35 -0.45 -8.91 -1.40
CA LEU A 35 -0.99 -8.65 -0.07
C LEU A 35 0.09 -8.84 1.00
N ARG A 36 0.92 -9.87 0.85
CA ARG A 36 2.07 -10.06 1.73
C ARG A 36 2.95 -8.82 1.77
N GLU A 37 3.18 -8.22 0.61
CA GLU A 37 4.10 -7.09 0.50
C GLU A 37 3.49 -5.91 1.24
N LEU A 38 2.18 -5.70 1.05
CA LEU A 38 1.54 -4.53 1.67
C LEU A 38 1.42 -4.73 3.19
N ILE A 39 1.09 -5.95 3.65
CA ILE A 39 1.10 -6.23 5.07
C ILE A 39 2.49 -6.01 5.66
N SER A 40 3.55 -6.41 4.96
N SER A 40 3.53 -6.43 4.95
CA SER A 40 4.91 -6.24 5.47
CA SER A 40 4.90 -6.25 5.42
C SER A 40 5.27 -4.77 5.60
C SER A 40 5.25 -4.77 5.59
N ASN A 41 4.86 -3.96 4.60
CA ASN A 41 5.02 -2.51 4.67
C ASN A 41 4.26 -1.91 5.86
N ALA A 42 3.02 -2.35 6.08
CA ALA A 42 2.23 -1.86 7.19
C ALA A 42 2.91 -2.19 8.53
N SER A 43 3.40 -3.43 8.64
CA SER A 43 4.11 -3.87 9.83
C SER A 43 5.36 -3.04 10.09
N ASP A 44 6.14 -2.76 9.06
CA ASP A 44 7.34 -1.96 9.19
C ASP A 44 6.99 -0.55 9.68
N ALA A 45 5.90 0.04 9.17
CA ALA A 45 5.45 1.36 9.63
C ALA A 45 5.04 1.36 11.11
N LEU A 46 4.38 0.28 11.53
CA LEU A 46 4.02 0.04 12.91
C LEU A 46 5.26 -0.08 13.81
N ASP A 47 6.26 -0.79 13.31
CA ASP A 47 7.50 -0.92 14.05
C ASP A 47 8.13 0.45 14.34
N LYS A 48 8.08 1.35 13.37
CA LYS A 48 8.67 2.67 13.48
C LYS A 48 7.96 3.54 14.53
N ILE A 49 6.61 3.54 14.56
CA ILE A 49 5.93 4.29 15.61
C ILE A 49 6.08 3.61 16.98
N ARG A 50 6.17 2.28 17.02
CA ARG A 50 6.46 1.61 18.27
C ARG A 50 7.83 2.01 18.81
N TYR A 51 8.82 2.11 17.91
CA TYR A 51 10.15 2.53 18.31
C TYR A 51 10.10 3.95 18.88
N GLN A 52 9.40 4.87 18.20
CA GLN A 52 9.27 6.22 18.73
C GLN A 52 8.58 6.25 20.09
N ALA A 53 7.54 5.44 20.21
CA ALA A 53 6.70 5.43 21.38
C ALA A 53 7.42 4.85 22.59
N LEU A 54 8.47 4.06 22.35
CA LEU A 54 9.21 3.48 23.46
C LEU A 54 9.97 4.58 24.19
N SER A 55 10.53 5.52 23.44
CA SER A 55 11.10 6.75 23.98
C SER A 55 10.03 7.67 24.54
N ASP A 56 9.00 7.98 23.71
CA ASP A 56 8.01 9.00 23.97
C ASP A 56 6.61 8.43 23.75
N PRO A 57 5.99 7.86 24.80
CA PRO A 57 4.68 7.26 24.68
C PRO A 57 3.56 8.16 24.17
N SER A 58 3.72 9.49 24.24
CA SER A 58 2.71 10.42 23.77
C SER A 58 2.55 10.35 22.25
N GLN A 59 3.55 9.82 21.53
CA GLN A 59 3.45 9.66 20.07
C GLN A 59 2.28 8.76 19.68
N LEU A 60 1.82 7.85 20.57
CA LEU A 60 0.69 7.00 20.29
C LEU A 60 -0.65 7.69 20.46
N GLU A 61 -0.73 8.88 21.09
CA GLU A 61 -2.02 9.45 21.49
C GLU A 61 -2.92 9.78 20.29
N SER A 62 -2.32 10.02 19.12
CA SER A 62 -3.04 10.24 17.88
C SER A 62 -3.88 9.05 17.42
N GLU A 63 -3.53 7.85 17.89
CA GLU A 63 -4.19 6.61 17.55
C GLU A 63 -3.58 5.54 18.44
N PRO A 64 -4.14 5.30 19.66
CA PRO A 64 -3.47 4.45 20.63
C PRO A 64 -3.30 2.99 20.24
N GLU A 65 -4.15 2.52 19.31
CA GLU A 65 -4.13 1.12 18.93
C GLU A 65 -3.22 0.88 17.72
N LEU A 66 -2.46 -0.22 17.76
CA LEU A 66 -1.53 -0.65 16.72
C LEU A 66 -2.14 -1.81 15.96
N PHE A 67 -2.52 -1.57 14.69
CA PHE A 67 -3.25 -2.56 13.92
C PHE A 67 -2.95 -2.44 12.43
N ILE A 68 -3.26 -3.53 11.74
CA ILE A 68 -3.39 -3.62 10.30
C ILE A 68 -4.84 -4.01 10.02
N ARG A 69 -5.49 -3.35 9.08
CA ARG A 69 -6.91 -3.56 8.85
C ARG A 69 -7.13 -3.64 7.34
N ILE A 70 -7.82 -4.70 6.92
CA ILE A 70 -8.14 -4.91 5.52
C ILE A 70 -9.64 -4.69 5.35
N ILE A 71 -10.02 -3.79 4.44
CA ILE A 71 -11.42 -3.37 4.29
C ILE A 71 -11.79 -3.51 2.81
N PRO A 72 -12.45 -4.61 2.46
CA PRO A 72 -13.03 -4.69 1.13
C PRO A 72 -14.19 -3.73 0.96
N GLN A 73 -14.27 -3.10 -0.21
CA GLN A 73 -15.29 -2.14 -0.57
C GLN A 73 -15.91 -2.66 -1.87
N LYS A 74 -16.77 -3.66 -1.74
CA LYS A 74 -17.23 -4.40 -2.91
C LYS A 74 -17.92 -3.50 -3.94
N ASP A 75 -18.75 -2.58 -3.48
CA ASP A 75 -19.53 -1.74 -4.39
C ASP A 75 -18.60 -0.84 -5.21
N GLN A 76 -17.46 -0.42 -4.62
CA GLN A 76 -16.48 0.40 -5.31
C GLN A 76 -15.43 -0.41 -6.08
N LYS A 77 -15.39 -1.77 -5.97
CA LYS A 77 -14.30 -2.58 -6.50
C LYS A 77 -12.94 -2.12 -5.97
N VAL A 78 -12.96 -1.77 -4.68
CA VAL A 78 -11.79 -1.29 -3.98
C VAL A 78 -11.43 -2.21 -2.81
N LEU A 79 -10.12 -2.38 -2.59
CA LEU A 79 -9.60 -3.04 -1.40
C LEU A 79 -8.72 -2.03 -0.65
N GLU A 80 -9.04 -1.79 0.63
CA GLU A 80 -8.27 -0.88 1.47
C GLU A 80 -7.43 -1.66 2.46
N ILE A 81 -6.15 -1.26 2.56
CA ILE A 81 -5.19 -1.80 3.51
C ILE A 81 -4.72 -0.64 4.39
N ARG A 82 -5.15 -0.65 5.65
CA ARG A 82 -4.89 0.41 6.59
C ARG A 82 -3.97 -0.05 7.72
N ASP A 83 -3.10 0.87 8.15
CA ASP A 83 -2.26 0.65 9.32
C ASP A 83 -2.30 1.89 10.18
N SER A 84 -2.01 1.71 11.47
CA SER A 84 -1.79 2.80 12.39
C SER A 84 -0.30 3.02 12.68
N GLY A 85 0.52 2.82 11.63
CA GLY A 85 1.95 3.05 11.73
C GLY A 85 2.32 4.53 11.76
N ILE A 86 3.60 4.79 11.51
CA ILE A 86 4.14 6.13 11.68
C ILE A 86 3.55 7.14 10.68
N GLY A 87 3.10 6.67 9.51
CA GLY A 87 2.58 7.59 8.52
C GLY A 87 3.70 8.34 7.76
N MET A 88 3.22 9.13 6.82
CA MET A 88 4.05 9.93 5.93
C MET A 88 3.54 11.36 5.92
N THR A 89 4.48 12.33 6.02
CA THR A 89 4.18 13.74 5.87
C THR A 89 3.98 14.05 4.38
N LYS A 90 3.50 15.28 4.09
CA LYS A 90 3.41 15.69 2.69
C LYS A 90 4.76 15.46 1.99
N ALA A 91 5.84 15.89 2.63
CA ALA A 91 7.16 15.81 2.03
C ALA A 91 7.63 14.37 1.81
N ASP A 92 7.29 13.45 2.74
CA ASP A 92 7.48 12.03 2.55
C ASP A 92 6.75 11.50 1.30
N LEU A 93 5.49 11.92 1.09
CA LEU A 93 4.74 11.42 -0.05
C LEU A 93 5.31 11.94 -1.37
N VAL A 94 5.71 13.20 -1.38
CA VAL A 94 6.34 13.75 -2.57
C VAL A 94 7.70 13.07 -2.84
N ASN A 95 8.42 12.69 -1.78
CA ASN A 95 9.76 12.07 -1.83
C ASN A 95 9.76 10.53 -1.93
N ASN A 96 8.92 9.88 -2.75
CA ASN A 96 9.37 8.63 -3.37
C ASN A 96 10.51 8.91 -4.38
N LEU A 97 10.53 10.14 -4.94
CA LEU A 97 11.63 10.73 -5.72
C LEU A 97 12.80 11.01 -4.77
N GLY A 98 14.03 10.65 -5.19
CA GLY A 98 15.22 10.86 -4.38
C GLY A 98 15.22 10.00 -3.12
N THR A 99 14.89 8.71 -3.28
CA THR A 99 14.71 7.76 -2.20
C THR A 99 15.28 6.41 -2.64
N ILE A 100 15.66 5.58 -1.65
CA ILE A 100 16.15 4.20 -1.75
C ILE A 100 15.38 3.31 -2.75
N ALA A 101 14.10 3.61 -2.95
CA ALA A 101 13.28 3.07 -4.02
C ALA A 101 13.90 3.26 -5.41
N LYS A 102 14.66 4.35 -5.66
CA LYS A 102 15.36 4.47 -6.94
C LYS A 102 16.34 3.29 -7.15
N SER A 103 17.13 2.95 -6.12
CA SER A 103 18.13 1.88 -6.18
C SER A 103 17.47 0.51 -6.28
N GLY A 104 16.52 0.28 -5.36
CA GLY A 104 15.75 -0.95 -5.39
C GLY A 104 15.11 -1.21 -6.75
N THR A 105 14.54 -0.16 -7.32
CA THR A 105 13.82 -0.24 -8.57
C THR A 105 14.71 -0.78 -9.71
N LYS A 106 15.87 -0.14 -9.89
CA LYS A 106 16.73 -0.46 -11.02
C LYS A 106 17.30 -1.88 -10.89
N SER A 107 17.78 -2.22 -9.69
CA SER A 107 18.36 -3.54 -9.40
C SER A 107 17.32 -4.64 -9.64
N PHE A 108 16.08 -4.34 -9.23
CA PHE A 108 15.02 -5.34 -9.34
C PHE A 108 14.69 -5.58 -10.82
N MET A 109 14.66 -4.52 -11.62
CA MET A 109 14.40 -4.68 -13.05
C MET A 109 15.50 -5.52 -13.72
N GLU A 110 16.74 -5.29 -13.35
CA GLU A 110 17.85 -6.10 -13.86
C GLU A 110 17.70 -7.57 -13.44
N ALA A 111 17.27 -7.81 -12.20
CA ALA A 111 17.03 -9.17 -11.74
C ALA A 111 15.90 -9.84 -12.52
N LEU A 112 14.79 -9.10 -12.75
CA LEU A 112 13.72 -9.64 -13.57
C LEU A 112 14.19 -10.05 -14.96
N SER A 113 15.05 -9.23 -15.57
CA SER A 113 15.55 -9.53 -16.90
C SER A 113 16.34 -10.83 -16.87
N ALA A 114 17.04 -11.08 -15.76
CA ALA A 114 17.83 -12.31 -15.55
C ALA A 114 17.01 -13.55 -15.20
N GLY A 115 15.71 -13.41 -14.93
CA GLY A 115 14.81 -14.51 -14.69
C GLY A 115 14.21 -14.51 -13.30
N ALA A 116 14.47 -13.48 -12.49
CA ALA A 116 13.98 -13.50 -11.11
C ALA A 116 12.45 -13.64 -11.08
N ASP A 117 11.94 -14.34 -10.07
CA ASP A 117 10.51 -14.40 -9.83
C ASP A 117 10.03 -13.04 -9.28
N VAL A 118 8.89 -12.52 -9.78
CA VAL A 118 8.28 -11.29 -9.26
C VAL A 118 8.11 -11.29 -7.75
N SER A 119 7.88 -12.46 -7.13
CA SER A 119 7.75 -12.57 -5.69
C SER A 119 8.99 -12.14 -4.93
N MET A 120 10.17 -11.98 -5.59
CA MET A 120 11.38 -11.47 -4.96
C MET A 120 11.37 -9.94 -4.81
N ILE A 121 10.31 -9.25 -5.24
CA ILE A 121 10.24 -7.78 -5.23
C ILE A 121 10.59 -7.19 -3.86
N GLY A 122 10.13 -7.80 -2.79
CA GLY A 122 10.35 -7.24 -1.46
C GLY A 122 11.81 -7.30 -1.03
N GLN A 123 12.58 -8.22 -1.61
CA GLN A 123 14.02 -8.28 -1.32
C GLN A 123 14.79 -7.10 -1.89
N PHE A 124 14.20 -6.37 -2.83
CA PHE A 124 14.79 -5.17 -3.40
C PHE A 124 14.21 -3.91 -2.76
N GLY A 125 13.32 -4.08 -1.77
CA GLY A 125 12.79 -2.94 -1.05
C GLY A 125 11.68 -2.19 -1.79
N VAL A 126 11.10 -2.74 -2.88
CA VAL A 126 10.11 -2.04 -3.67
C VAL A 126 8.80 -2.84 -3.78
N GLY A 127 8.48 -3.65 -2.77
CA GLY A 127 7.27 -4.45 -2.76
C GLY A 127 5.98 -3.63 -2.79
N PHE A 128 6.04 -2.33 -2.42
CA PHE A 128 4.86 -1.48 -2.54
C PHE A 128 4.27 -1.55 -3.97
N TYR A 129 5.14 -1.55 -4.97
CA TYR A 129 4.72 -1.48 -6.35
C TYR A 129 4.06 -2.78 -6.86
N SER A 130 4.14 -3.89 -6.08
CA SER A 130 3.43 -5.11 -6.37
C SER A 130 1.91 -4.93 -6.36
N LEU A 131 1.44 -3.79 -5.81
CA LEU A 131 -0.01 -3.58 -5.81
C LEU A 131 -0.54 -3.49 -7.25
N PHE A 132 0.31 -3.10 -8.21
CA PHE A 132 -0.12 -2.98 -9.60
C PHE A 132 -0.34 -4.33 -10.26
N LEU A 133 0.05 -5.43 -9.59
CA LEU A 133 -0.37 -6.75 -10.07
C LEU A 133 -1.91 -6.85 -10.10
N VAL A 134 -2.60 -6.24 -9.12
CA VAL A 134 -4.04 -6.45 -8.94
C VAL A 134 -4.86 -5.18 -9.10
N ALA A 135 -4.21 -4.00 -9.12
CA ALA A 135 -4.89 -2.71 -9.16
C ALA A 135 -4.40 -1.88 -10.33
N ASP A 136 -5.32 -1.11 -10.93
CA ASP A 136 -4.89 -0.22 -11.98
C ASP A 136 -4.70 1.22 -11.51
N HIS A 137 -5.07 1.54 -10.26
N HIS A 137 -5.13 1.56 -10.31
CA HIS A 137 -5.05 2.89 -9.73
CA HIS A 137 -4.68 2.79 -9.71
C HIS A 137 -5.06 2.77 -8.20
C HIS A 137 -4.79 2.62 -8.21
N VAL A 138 -4.29 3.63 -7.51
CA VAL A 138 -4.16 3.59 -6.06
C VAL A 138 -4.17 5.00 -5.51
N GLN A 139 -4.82 5.13 -4.36
CA GLN A 139 -4.68 6.28 -3.51
C GLN A 139 -3.98 5.81 -2.25
N VAL A 140 -2.99 6.59 -1.81
CA VAL A 140 -2.30 6.36 -0.55
C VAL A 140 -2.66 7.56 0.33
N ILE A 141 -3.45 7.29 1.37
CA ILE A 141 -3.89 8.30 2.31
C ILE A 141 -2.96 8.18 3.52
N SER A 142 -2.38 9.29 3.99
CA SER A 142 -1.45 9.14 5.09
C SER A 142 -1.51 10.32 6.05
N LYS A 143 -1.28 10.00 7.33
CA LYS A 143 -1.27 11.00 8.40
C LYS A 143 -0.13 10.67 9.36
N HIS A 144 0.82 11.62 9.43
CA HIS A 144 1.96 11.55 10.33
C HIS A 144 1.68 12.53 11.45
N ASN A 145 2.24 12.28 12.64
CA ASN A 145 2.04 13.19 13.77
C ASN A 145 2.48 14.63 13.48
N ASP A 146 3.46 14.81 12.60
CA ASP A 146 4.01 16.12 12.27
C ASP A 146 3.27 16.88 11.19
N ASP A 147 2.19 16.33 10.58
CA ASP A 147 1.59 16.99 9.42
C ASP A 147 0.09 16.69 9.38
N GLU A 148 -0.58 17.34 8.43
CA GLU A 148 -1.98 17.10 8.14
C GLU A 148 -2.13 15.81 7.32
N GLN A 149 -3.40 15.37 7.13
CA GLN A 149 -3.63 14.19 6.31
C GLN A 149 -3.59 14.58 4.84
N TYR A 150 -2.91 13.75 4.04
CA TYR A 150 -2.74 13.94 2.62
C TYR A 150 -3.13 12.69 1.86
N VAL A 151 -3.44 12.89 0.57
CA VAL A 151 -3.70 11.79 -0.34
C VAL A 151 -2.76 11.91 -1.53
N TRP A 152 -2.05 10.82 -1.79
CA TRP A 152 -1.18 10.62 -2.91
C TRP A 152 -1.88 9.70 -3.89
N GLU A 153 -1.83 10.02 -5.21
CA GLU A 153 -2.57 9.20 -6.17
C GLU A 153 -1.75 8.94 -7.42
N SER A 154 -1.79 7.69 -7.90
CA SER A 154 -1.00 7.18 -9.04
C SER A 154 -1.81 6.16 -9.85
N ASN A 155 -1.66 6.19 -11.19
CA ASN A 155 -2.26 5.20 -12.08
C ASN A 155 -1.19 4.38 -12.81
N ALA A 156 0.02 4.30 -12.24
CA ALA A 156 1.13 3.55 -12.82
C ALA A 156 1.77 4.27 -14.00
N GLY A 157 1.31 5.49 -14.33
CA GLY A 157 1.93 6.33 -15.34
C GLY A 157 3.02 7.20 -14.73
N GLY A 158 3.44 8.22 -15.50
CA GLY A 158 4.62 8.97 -15.11
C GLY A 158 4.36 10.06 -14.07
N LYS A 159 3.09 10.37 -13.76
CA LYS A 159 2.74 11.49 -12.88
C LYS A 159 1.98 10.94 -11.68
N PHE A 160 2.14 11.61 -10.53
CA PHE A 160 1.29 11.41 -9.36
C PHE A 160 0.85 12.75 -8.79
N THR A 161 -0.23 12.74 -7.97
CA THR A 161 -0.69 13.94 -7.31
C THR A 161 -0.62 13.77 -5.80
N VAL A 162 -0.48 14.89 -5.11
CA VAL A 162 -0.53 14.98 -3.67
C VAL A 162 -1.51 16.12 -3.38
N THR A 163 -2.53 15.83 -2.58
CA THR A 163 -3.60 16.77 -2.26
C THR A 163 -3.90 16.72 -0.77
N LEU A 164 -4.06 17.89 -0.14
CA LEU A 164 -4.58 17.93 1.22
C LEU A 164 -5.89 17.17 1.30
N ASP A 165 -6.01 16.27 2.29
CA ASP A 165 -7.15 15.36 2.37
C ASP A 165 -8.34 16.04 3.06
N GLU A 166 -9.36 16.41 2.25
CA GLU A 166 -10.58 17.01 2.78
C GLU A 166 -11.78 16.12 2.46
N THR A 167 -11.52 14.82 2.12
CA THR A 167 -12.58 13.94 1.64
C THR A 167 -12.60 12.54 2.24
N ASN A 168 -11.54 12.07 2.90
CA ASN A 168 -11.57 10.72 3.49
C ASN A 168 -11.74 10.73 4.99
N GLU A 169 -12.11 9.57 5.53
N GLU A 169 -12.09 9.57 5.55
CA GLU A 169 -12.10 9.36 6.97
CA GLU A 169 -12.13 9.39 6.98
C GLU A 169 -10.74 9.79 7.55
C GLU A 169 -10.76 9.73 7.59
N ARG A 170 -10.76 10.37 8.77
CA ARG A 170 -9.55 10.68 9.49
C ARG A 170 -8.87 9.40 9.95
N LEU A 171 -7.60 9.24 9.60
CA LEU A 171 -6.84 8.07 10.05
C LEU A 171 -6.38 8.14 11.49
N GLY A 172 -6.25 9.35 12.06
CA GLY A 172 -5.67 9.53 13.39
C GLY A 172 -4.16 9.58 13.27
N ARG A 173 -3.61 8.46 12.77
CA ARG A 173 -2.20 8.31 12.42
C ARG A 173 -2.09 7.04 11.61
N GLY A 174 -1.26 7.07 10.59
CA GLY A 174 -0.96 5.92 9.77
C GLY A 174 -1.27 6.12 8.31
N THR A 175 -1.47 5.00 7.61
CA THR A 175 -1.57 5.00 6.17
C THR A 175 -2.66 4.03 5.71
N MET A 176 -3.40 4.43 4.68
CA MET A 176 -4.35 3.53 4.04
C MET A 176 -4.12 3.54 2.54
N LEU A 177 -3.83 2.36 1.99
CA LEU A 177 -3.76 2.14 0.56
C LEU A 177 -5.17 1.80 0.09
N ARG A 178 -5.68 2.53 -0.90
CA ARG A 178 -6.96 2.25 -1.51
C ARG A 178 -6.67 1.75 -2.92
N LEU A 179 -6.81 0.44 -3.11
CA LEU A 179 -6.49 -0.23 -4.35
C LEU A 179 -7.77 -0.31 -5.19
N PHE A 180 -7.72 0.26 -6.39
CA PHE A 180 -8.82 0.14 -7.35
C PHE A 180 -8.52 -1.08 -8.20
N LEU A 181 -9.20 -2.18 -7.87
CA LEU A 181 -8.88 -3.48 -8.41
C LEU A 181 -9.23 -3.56 -9.89
N LYS A 182 -8.35 -4.25 -10.63
CA LYS A 182 -8.60 -4.71 -12.00
C LYS A 182 -9.83 -5.60 -12.05
N GLU A 183 -10.54 -5.61 -13.20
N GLU A 183 -10.54 -5.60 -13.19
CA GLU A 183 -11.82 -6.30 -13.30
CA GLU A 183 -11.83 -6.27 -13.32
C GLU A 183 -11.71 -7.81 -13.15
C GLU A 183 -11.71 -7.79 -13.20
N ASP A 184 -10.53 -8.35 -13.46
CA ASP A 184 -10.31 -9.80 -13.33
C ASP A 184 -9.71 -10.16 -11.96
N GLN A 185 -9.52 -9.17 -11.06
CA GLN A 185 -8.93 -9.44 -9.76
C GLN A 185 -9.87 -9.20 -8.59
N LEU A 186 -11.18 -9.32 -8.82
CA LEU A 186 -12.16 -9.08 -7.78
C LEU A 186 -12.26 -10.17 -6.72
N GLU A 187 -11.54 -11.28 -6.89
CA GLU A 187 -11.49 -12.32 -5.87
C GLU A 187 -10.93 -11.75 -4.58
N TYR A 188 -10.09 -10.69 -4.64
CA TYR A 188 -9.47 -10.14 -3.42
C TYR A 188 -10.44 -9.28 -2.60
N LEU A 189 -11.73 -9.18 -3.02
CA LEU A 189 -12.76 -8.57 -2.18
C LEU A 189 -13.46 -9.56 -1.26
N GLU A 190 -13.23 -10.86 -1.48
CA GLU A 190 -13.97 -11.91 -0.79
C GLU A 190 -13.25 -12.30 0.50
N GLU A 191 -14.01 -12.38 1.61
CA GLU A 191 -13.52 -12.81 2.90
C GLU A 191 -12.68 -14.09 2.82
N LYS A 192 -13.23 -15.14 2.20
CA LYS A 192 -12.56 -16.44 2.17
C LYS A 192 -11.17 -16.32 1.53
N ARG A 193 -11.09 -15.63 0.40
CA ARG A 193 -9.84 -15.48 -0.34
C ARG A 193 -8.83 -14.66 0.46
N ILE A 194 -9.29 -13.55 1.07
CA ILE A 194 -8.37 -12.72 1.84
C ILE A 194 -7.78 -13.54 3.00
N LYS A 195 -8.64 -14.28 3.73
CA LYS A 195 -8.16 -15.13 4.81
C LYS A 195 -7.11 -16.14 4.37
N GLU A 196 -7.37 -16.78 3.21
CA GLU A 196 -6.45 -17.77 2.67
C GLU A 196 -5.08 -17.16 2.43
N VAL A 197 -5.06 -15.96 1.84
CA VAL A 197 -3.83 -15.32 1.46
C VAL A 197 -3.04 -14.86 2.69
N VAL A 198 -3.74 -14.24 3.65
CA VAL A 198 -3.12 -13.82 4.89
C VAL A 198 -2.52 -15.02 5.61
N LYS A 199 -3.29 -16.13 5.68
CA LYS A 199 -2.81 -17.30 6.42
C LYS A 199 -1.58 -17.91 5.75
N LYS A 200 -1.55 -17.89 4.42
CA LYS A 200 -0.49 -18.56 3.69
C LYS A 200 0.80 -17.76 3.77
N HIS A 201 0.69 -16.43 3.61
CA HIS A 201 1.88 -15.62 3.39
C HIS A 201 2.23 -14.70 4.56
N SER A 202 1.34 -14.48 5.52
CA SER A 202 1.55 -13.50 6.58
C SER A 202 1.31 -14.13 7.94
N GLU A 203 1.89 -15.33 8.14
CA GLU A 203 1.75 -16.05 9.41
C GLU A 203 2.43 -15.30 10.56
N PHE A 204 3.58 -14.68 10.31
CA PHE A 204 4.40 -14.08 11.35
C PHE A 204 4.35 -12.56 11.21
N VAL A 205 3.34 -11.99 11.86
CA VAL A 205 3.16 -10.55 11.96
C VAL A 205 2.82 -10.22 13.41
N ALA A 206 3.44 -9.15 13.93
CA ALA A 206 3.43 -8.80 15.34
C ALA A 206 2.14 -8.10 15.75
N TYR A 207 1.39 -7.59 14.76
CA TYR A 207 0.21 -6.76 15.00
C TYR A 207 -1.02 -7.53 14.56
N PRO A 208 -2.17 -7.26 15.17
CA PRO A 208 -3.41 -7.86 14.68
C PRO A 208 -3.68 -7.46 13.23
N ILE A 209 -4.08 -8.46 12.44
CA ILE A 209 -4.56 -8.26 11.09
C ILE A 209 -6.07 -8.41 11.16
N GLN A 210 -6.78 -7.27 11.05
CA GLN A 210 -8.22 -7.20 11.21
C GLN A 210 -8.88 -7.19 9.84
N LEU A 211 -9.88 -8.02 9.62
CA LEU A 211 -10.60 -8.02 8.36
C LEU A 211 -12.00 -7.52 8.64
N VAL A 212 -12.45 -6.59 7.81
CA VAL A 212 -13.72 -5.91 8.01
C VAL A 212 -14.67 -6.52 6.99
N VAL A 213 -15.71 -7.18 7.46
CA VAL A 213 -16.59 -7.94 6.59
C VAL A 213 -18.01 -7.36 6.74
N THR A 214 -18.66 -7.18 5.60
CA THR A 214 -20.03 -6.63 5.57
C THR A 214 -20.99 -7.75 5.22
N LYS A 215 -21.93 -8.07 6.14
CA LYS A 215 -22.90 -9.12 5.89
C LYS A 215 -24.30 -8.57 6.14
N GLU A 216 -25.26 -9.01 5.32
N GLU A 216 -25.28 -8.97 5.30
CA GLU A 216 -26.64 -8.65 5.53
CA GLU A 216 -26.67 -8.66 5.55
C GLU A 216 -27.17 -9.41 6.75
C GLU A 216 -27.13 -9.40 6.80
N VAL A 217 -27.91 -8.71 7.62
CA VAL A 217 -28.65 -9.34 8.72
C VAL A 217 -29.89 -10.02 8.12
N GLU A 218 -30.06 -11.32 8.36
CA GLU A 218 -31.13 -12.11 7.76
C GLU A 218 -32.06 -12.65 8.84
N LYS A 219 -33.28 -13.06 8.43
CA LYS A 219 -34.32 -13.56 9.33
C LYS A 219 -33.85 -14.83 10.06
C1 A1A24 B . 6.55 4.53 4.55
C2 A1A24 B . 6.61 5.22 5.74
C3 A1A24 B . 4.53 3.83 5.53
C4 A1A24 B . 5.43 3.75 4.43
C5 A1A24 B . 5.81 2.70 2.23
C6 A1A24 B . 5.78 3.60 1.26
C7 A1A24 B . 6.65 3.31 0.11
N1 A1A24 B . 4.99 2.93 3.41
N2 A1A24 B . 1.93 1.60 4.84
N3 A1A24 B . 3.37 3.19 5.75
N4 A1A24 B . 6.62 4.17 -1.02
C8 A1A24 B . 7.41 2.20 0.13
C10 A1A24 B . 6.65 1.52 2.29
C11 A1A24 B . 3.84 2.23 3.53
C12 A1A24 B . 3.05 2.41 4.77
C13 A1A24 B . 7.61 6.20 6.30
C14 A1A24 B . 7.36 3.77 -2.20
C15 A1A24 B . 8.27 2.71 -1.88
C16 A1A24 B . 5.73 5.26 -1.17
C17 A1A24 B . 4.55 5.04 -1.70
C18 A1A24 B . 3.56 6.16 -1.96
C19 A1A24 B . 3.85 7.35 -1.59
C20 A1A24 B . 5.23 7.58 -1.02
C21 A1A24 B . 6.11 6.63 -0.78
C22 A1A24 B . 9.72 7.29 5.90
C23 A1A24 B . 10.77 7.41 4.82
C24 A1A24 B . 11.79 8.51 5.20
C25 A1A24 B . 11.50 8.01 7.52
C26 A1A24 B . 10.40 6.98 7.22
C27 A1A24 B . 13.61 8.92 6.69
C28 A1A24 B . 14.85 8.20 7.27
C29 A1A24 B . 15.36 7.05 6.37
C30 A1A24 B . 15.80 9.40 7.49
C31 A1A24 B . 17.13 6.28 8.03
C32 A1A24 B . 18.85 6.11 6.71
C33 A1A24 B . 16.59 9.94 6.32
C34 A1A24 B . 17.40 10.98 6.50
C35 A1A24 B . 17.49 11.66 7.85
C36 A1A24 B . 16.77 11.21 8.85
C37 A1A24 B . 15.87 10.01 8.66
C9 A1A24 B . 7.41 1.23 1.21
F1 A1A24 B . 16.51 9.34 5.11
F2 A1A24 B . 18.30 12.73 7.99
N5 A1A24 B . 8.80 6.16 5.55
N6 A1A24 B . 12.46 8.03 6.43
N7 A1A24 B . 16.69 6.64 6.79
N8 A1A24 B . 18.40 5.97 8.00
N9 A1A24 B . 17.78 6.54 5.90
O1 A1A24 B . 3.43 1.40 2.61
O2 A1A24 B . 8.27 1.79 -0.93
O3 A1A24 B . 14.49 7.62 8.50
S1 A1A24 B . 5.21 4.95 6.71
H1 A1A24 B . 7.21 4.59 3.89
H2 A1A24 B . 5.21 4.33 1.31
H6 A1A24 B . 1.72 1.08 4.18
H5 A1A24 B . 1.43 1.61 5.53
H4 A1A24 B . 6.62 0.94 3.01
H7 A1A24 B . 7.78 5.97 7.23
H8 A1A24 B . 7.21 7.08 6.26
H10 A1A24 B . 6.75 3.47 -2.88
H9 A1A24 B . 7.86 4.54 -2.54
H12 A1A24 B . 8.33 2.19 -2.71
H11 A1A24 B . 9.13 3.16 -1.76
H13 A1A24 B . 4.32 4.18 -1.96
H14 A1A24 B . 2.72 5.96 -2.32
H15 A1A24 B . 3.27 8.05 -1.74
H16 A1A24 B . 5.46 8.44 -0.76
H17 A1A24 B . 6.95 6.82 -0.42
H19 A1A24 B . 9.25 8.13 5.97
H21 A1A24 B . 11.22 6.56 4.70
H20 A1A24 B . 10.34 7.67 4.00
H23 A1A24 B . 12.40 8.60 4.45
H22 A1A24 B . 11.33 9.35 5.36
H24 A1A24 B . 11.10 8.89 7.64
H25 A1A24 B . 11.94 7.74 8.35
H27 A1A24 B . 9.75 7.02 7.94
H26 A1A24 B . 10.80 6.11 7.19
H29 A1A24 B . 13.87 9.36 5.87
H28 A1A24 B . 13.32 9.61 7.31
H31 A1A24 B . 14.79 6.28 6.50
H30 A1A24 B . 15.33 7.28 5.43
H33 A1A24 B . 16.61 6.26 8.79
H34 A1A24 B . 19.71 5.95 6.42
H35 A1A24 B . 17.90 11.31 5.80
H36 A1A24 B . 16.84 11.62 9.67
H37 A1A24 B . 15.37 9.72 9.39
H3 A1A24 B . 7.97 0.49 1.20
H39 A1A24 B . 9.21 5.37 5.67
H18 A1A24 B . 8.61 6.25 4.69
H38 A1A24 B . 12.73 7.19 6.28
MG MG C . 6.78 14.94 15.93
#